data_2CHC
#
_entry.id   2CHC
#
_cell.length_a   60.339
_cell.length_b   91.917
_cell.length_c   191.987
_cell.angle_alpha   90.00
_cell.angle_beta   90.00
_cell.angle_gamma   90.00
#
_symmetry.space_group_name_H-M   'C 2 2 21'
#
loop_
_entity.id
_entity.type
_entity.pdbx_description
1 polymer 'PROTEIN RV3472'
2 water water
#
_entity_poly.entity_id   1
_entity_poly.type   'polypeptide(L)'
_entity_poly.pdbx_seq_one_letter_code
;GAMGPVDEQWIEILRIQALCARYCLTINTQDGEGWAGCFTEDGAFEFDGWVIRGRPALREYADAHARVVRGRHLTTDLLY
EVDGDVATGRSASVVTLATAAGYKILGSGEYQDRLIKQDGQWRIAYRRLRNDRLVSDPSVAVNVADADVAAVVGHLLAAA
RRLGTQMSDT
;
_entity_poly.pdbx_strand_id   A,B,C
#
# COMPACT_ATOMS: atom_id res chain seq x y z
N GLY A 1 -3.54 24.12 17.94
CA GLY A 1 -2.59 24.38 19.06
C GLY A 1 -2.46 23.03 19.73
N ALA A 2 -1.58 22.88 20.75
CA ALA A 2 -0.37 23.79 21.02
C ALA A 2 0.88 23.42 21.96
N MET A 3 1.43 22.20 22.01
CA MET A 3 0.81 21.01 21.51
C MET A 3 -0.17 20.54 22.57
N GLY A 4 -1.39 20.36 22.14
CA GLY A 4 -2.45 19.81 22.95
C GLY A 4 -2.35 18.34 23.13
N PRO A 5 -3.26 17.79 23.93
CA PRO A 5 -3.22 16.38 24.17
C PRO A 5 -3.39 15.52 22.95
N VAL A 6 -4.34 15.90 22.10
CA VAL A 6 -4.55 15.08 20.90
C VAL A 6 -3.41 15.29 19.88
N ASP A 7 -2.86 16.49 19.82
CA ASP A 7 -1.65 16.71 19.03
C ASP A 7 -0.49 15.78 19.43
N GLU A 8 -0.28 15.63 20.73
CA GLU A 8 0.75 14.69 21.20
C GLU A 8 0.45 13.29 20.74
N GLN A 9 -0.84 12.94 20.72
CA GLN A 9 -1.24 11.62 20.27
C GLN A 9 -0.88 11.40 18.79
N TRP A 10 -1.07 12.45 17.99
CA TRP A 10 -0.58 12.43 16.56
C TRP A 10 0.93 12.28 16.39
N ILE A 11 1.76 12.87 17.23
CA ILE A 11 3.23 12.62 17.17
C ILE A 11 3.55 11.14 17.51
N GLU A 12 2.85 10.59 18.50
CA GLU A 12 3.00 9.18 18.77
C GLU A 12 2.56 8.36 17.56
N ILE A 13 1.52 8.76 16.85
CA ILE A 13 1.08 8.05 15.68
C ILE A 13 2.12 7.98 14.53
N LEU A 14 2.78 9.09 14.31
CA LEU A 14 3.91 9.09 13.37
C LEU A 14 5.01 8.15 13.82
N ARG A 15 5.26 8.09 15.12
CA ARG A 15 6.28 7.17 15.65
C ARG A 15 5.89 5.71 15.41
N ILE A 16 4.58 5.44 15.55
CA ILE A 16 4.06 4.08 15.32
C ILE A 16 4.13 3.71 13.84
N GLN A 17 3.85 4.67 12.96
CA GLN A 17 4.03 4.47 11.54
C GLN A 17 5.47 4.06 11.20
N ALA A 18 6.41 4.68 11.88
CA ALA A 18 7.81 4.40 11.63
C ALA A 18 8.18 2.98 12.08
N LEU A 19 7.61 2.57 13.23
CA LEU A 19 7.75 1.19 13.71
C LEU A 19 7.21 0.21 12.69
N CYS A 20 6.01 0.47 12.18
CA CYS A 20 5.40 -0.42 11.15
C CYS A 20 6.27 -0.52 9.88
N ALA A 21 6.84 0.62 9.48
CA ALA A 21 7.73 0.67 8.34
C ALA A 21 8.95 -0.19 8.63
N ARG A 22 9.53 -0.03 9.81
CA ARG A 22 10.73 -0.77 10.21
C ARG A 22 10.50 -2.27 10.20
N TYR A 23 9.34 -2.70 10.69
CA TYR A 23 8.95 -4.07 10.64
C TYR A 23 9.03 -4.62 9.23
N CYS A 24 8.47 -3.89 8.27
CA CYS A 24 8.48 -4.39 6.93
C CYS A 24 9.86 -4.37 6.30
N LEU A 25 10.56 -3.25 6.46
CA LEU A 25 11.85 -3.07 5.81
C LEU A 25 12.94 -4.02 6.33
N THR A 26 12.87 -4.39 7.61
CA THR A 26 13.82 -5.32 8.22
C THR A 26 13.57 -6.73 7.66
N ILE A 27 12.33 -7.25 7.72
CA ILE A 27 12.09 -8.63 7.24
C ILE A 27 12.39 -8.68 5.73
N ASN A 28 12.04 -7.60 5.01
CA ASN A 28 12.21 -7.60 3.55
C ASN A 28 13.65 -7.49 3.12
N THR A 29 14.54 -7.20 4.07
CA THR A 29 16.00 -7.19 3.74
C THR A 29 16.71 -8.27 4.53
N GLN A 30 15.94 -9.27 4.98
CA GLN A 30 16.47 -10.44 5.67
C GLN A 30 17.32 -10.05 6.87
N ASP A 31 16.91 -9.00 7.57
CA ASP A 31 17.49 -8.54 8.81
C ASP A 31 16.66 -9.08 9.98
N GLY A 32 16.85 -10.35 10.34
CA GLY A 32 16.03 -10.95 11.39
C GLY A 32 16.25 -10.35 12.77
N GLU A 33 17.46 -9.90 13.06
CA GLU A 33 17.73 -9.22 14.32
C GLU A 33 16.95 -7.89 14.41
N GLY A 34 16.97 -7.14 13.32
CA GLY A 34 16.20 -5.88 13.28
C GLY A 34 14.71 -6.15 13.40
N TRP A 35 14.25 -7.20 12.77
CA TRP A 35 12.84 -7.55 12.79
C TRP A 35 12.42 -7.89 14.20
N ALA A 36 13.14 -8.82 14.82
CA ALA A 36 12.82 -9.17 16.22
C ALA A 36 12.88 -7.95 17.15
N GLY A 37 13.78 -7.01 16.85
CA GLY A 37 13.94 -5.79 17.57
C GLY A 37 12.74 -4.85 17.48
N CYS A 38 11.85 -5.07 16.53
CA CYS A 38 10.56 -4.32 16.46
C CYS A 38 9.58 -4.74 17.55
N PHE A 39 9.83 -5.89 18.16
CA PHE A 39 8.97 -6.40 19.20
C PHE A 39 9.60 -6.14 20.56
N THR A 40 8.75 -6.19 21.58
CA THR A 40 9.24 -6.18 22.94
C THR A 40 9.96 -7.50 23.20
N GLU A 41 10.74 -7.54 24.29
CA GLU A 41 11.53 -8.71 24.57
C GLU A 41 10.68 -9.96 24.66
N ASP A 42 9.49 -9.85 25.25
CA ASP A 42 8.52 -10.97 25.26
C ASP A 42 7.30 -10.78 24.37
N GLY A 43 7.52 -10.08 23.26
CA GLY A 43 6.50 -9.81 22.25
C GLY A 43 6.23 -11.05 21.47
N ALA A 44 5.09 -11.05 20.78
CA ALA A 44 4.68 -12.21 20.03
C ALA A 44 4.06 -11.81 18.68
N PHE A 45 4.18 -12.74 17.71
CA PHE A 45 3.54 -12.64 16.41
C PHE A 45 2.66 -13.83 16.22
N GLU A 46 1.41 -13.63 15.87
CA GLU A 46 0.44 -14.71 15.68
C GLU A 46 -0.06 -14.72 14.26
N PHE A 47 -0.09 -15.90 13.64
CA PHE A 47 -0.75 -16.03 12.33
C PHE A 47 -1.18 -17.48 12.18
N ASP A 48 -2.35 -17.63 11.57
CA ASP A 48 -2.88 -18.95 11.32
C ASP A 48 -3.00 -19.82 12.52
N GLY A 49 -3.37 -19.25 13.64
CA GLY A 49 -3.56 -20.06 14.81
C GLY A 49 -2.34 -20.42 15.63
N TRP A 50 -1.17 -19.89 15.25
CA TRP A 50 0.15 -20.15 15.91
C TRP A 50 0.75 -18.88 16.41
N VAL A 51 1.36 -18.94 17.59
CA VAL A 51 1.95 -17.77 18.19
C VAL A 51 3.44 -18.00 18.46
N ILE A 52 4.24 -17.11 17.91
CA ILE A 52 5.67 -17.15 18.10
C ILE A 52 6.04 -16.07 19.10
N ARG A 53 6.64 -16.49 20.22
CA ARG A 53 6.84 -15.59 21.34
C ARG A 53 8.31 -15.43 21.67
N GLY A 54 8.70 -14.17 21.89
CA GLY A 54 10.03 -13.81 22.33
C GLY A 54 11.01 -13.56 21.23
N ARG A 55 11.92 -12.62 21.46
CA ARG A 55 12.87 -12.29 20.40
C ARG A 55 13.65 -13.45 19.82
N PRO A 56 14.15 -14.36 20.65
CA PRO A 56 14.87 -15.45 20.00
C PRO A 56 14.07 -16.24 18.98
N ALA A 57 12.83 -16.62 19.31
CA ALA A 57 11.99 -17.38 18.35
C ALA A 57 11.61 -16.51 17.16
N LEU A 58 11.41 -15.23 17.42
CA LEU A 58 11.05 -14.32 16.33
C LEU A 58 12.21 -14.18 15.34
N ARG A 59 13.41 -14.10 15.89
CA ARG A 59 14.61 -14.09 15.04
C ARG A 59 14.70 -15.37 14.18
N GLU A 60 14.42 -16.52 14.76
CA GLU A 60 14.46 -17.77 14.03
C GLU A 60 13.39 -17.77 12.95
N TYR A 61 12.22 -17.19 13.24
CA TYR A 61 11.17 -17.13 12.25
C TYR A 61 11.64 -16.29 11.07
N ALA A 62 12.18 -15.12 11.36
CA ALA A 62 12.68 -14.25 10.27
C ALA A 62 13.71 -14.97 9.43
N ASP A 63 14.60 -15.73 10.07
CA ASP A 63 15.65 -16.44 9.35
C ASP A 63 15.04 -17.51 8.46
N ALA A 64 14.02 -18.20 8.95
CA ALA A 64 13.31 -19.19 8.14
C ALA A 64 12.64 -18.52 6.96
N HIS A 65 12.01 -17.37 7.21
CA HIS A 65 11.36 -16.62 6.17
C HIS A 65 12.39 -16.23 5.08
N ALA A 66 13.56 -15.73 5.51
CA ALA A 66 14.63 -15.32 4.56
C ALA A 66 15.05 -16.40 3.63
N ARG A 67 14.95 -17.65 4.08
CA ARG A 67 15.42 -18.77 3.28
C ARG A 67 14.53 -19.00 2.09
N VAL A 68 13.28 -18.57 2.15
CA VAL A 68 12.31 -18.95 1.15
C VAL A 68 11.52 -17.84 0.48
N VAL A 69 11.61 -16.61 0.99
CA VAL A 69 10.81 -15.48 0.48
C VAL A 69 11.66 -14.31 0.02
N ARG A 70 11.36 -13.78 -1.17
CA ARG A 70 11.75 -12.42 -1.53
C ARG A 70 10.47 -11.72 -1.98
N GLY A 71 10.29 -10.53 -1.51
CA GLY A 71 9.02 -9.81 -1.74
C GLY A 71 8.93 -8.67 -0.79
N ARG A 72 7.77 -8.01 -0.82
CA ARG A 72 7.56 -6.83 -0.05
C ARG A 72 6.40 -7.08 0.84
N HIS A 73 6.55 -6.62 2.09
CA HIS A 73 5.45 -6.45 2.99
C HIS A 73 5.02 -5.00 2.95
N LEU A 74 3.74 -4.76 2.60
CA LEU A 74 3.22 -3.43 2.59
C LEU A 74 2.32 -3.26 3.78
N THR A 75 2.48 -2.21 4.56
CA THR A 75 1.59 -1.98 5.64
C THR A 75 0.97 -0.60 5.38
N THR A 76 -0.37 -0.52 5.34
CA THR A 76 -1.07 0.72 4.99
C THR A 76 -2.34 0.80 5.84
N ASP A 77 -3.04 1.91 5.67
CA ASP A 77 -4.32 2.09 6.32
C ASP A 77 -4.18 1.98 7.86
N LEU A 78 -3.17 2.59 8.43
CA LEU A 78 -2.97 2.50 9.87
C LEU A 78 -3.93 3.28 10.68
N LEU A 79 -4.52 2.64 11.67
CA LEU A 79 -5.49 3.25 12.54
C LEU A 79 -5.29 2.77 13.98
N TYR A 80 -4.70 3.65 14.79
CA TYR A 80 -4.29 3.35 16.17
C TYR A 80 -4.91 4.25 17.25
N GLU A 81 -5.19 3.68 18.40
CA GLU A 81 -5.67 4.41 19.58
C GLU A 81 -4.50 4.41 20.58
N VAL A 82 -3.97 5.60 20.88
CA VAL A 82 -2.83 5.72 21.81
C VAL A 82 -3.36 6.11 23.18
N ASP A 83 -2.93 5.41 24.23
CA ASP A 83 -3.32 5.74 25.61
C ASP A 83 -2.04 5.74 26.43
N GLY A 84 -1.39 6.90 26.41
CA GLY A 84 -0.15 7.04 27.15
C GLY A 84 0.94 6.20 26.52
N ASP A 85 1.45 5.22 27.27
CA ASP A 85 2.55 4.41 26.74
C ASP A 85 2.10 3.05 26.20
N VAL A 86 0.81 2.93 25.91
CA VAL A 86 0.32 1.79 25.17
C VAL A 86 -0.52 2.24 23.98
N ALA A 87 -0.59 1.42 22.94
CA ALA A 87 -1.47 1.65 21.83
C ALA A 87 -2.05 0.37 21.30
N THR A 88 -3.24 0.46 20.72
CA THR A 88 -3.90 -0.67 20.05
C THR A 88 -4.35 -0.18 18.69
N GLY A 89 -4.25 -1.01 17.69
CA GLY A 89 -4.71 -0.56 16.39
C GLY A 89 -4.66 -1.67 15.38
N ARG A 90 -4.97 -1.25 14.18
CA ARG A 90 -5.09 -2.13 13.05
C ARG A 90 -4.47 -1.50 11.83
N SER A 91 -4.03 -2.33 10.90
CA SER A 91 -3.53 -1.87 9.65
C SER A 91 -3.66 -2.98 8.62
N ALA A 92 -3.68 -2.56 7.37
CA ALA A 92 -3.74 -3.46 6.23
C ALA A 92 -2.38 -4.03 5.87
N SER A 93 -2.33 -5.31 5.54
CA SER A 93 -1.13 -6.04 5.14
C SER A 93 -1.37 -6.60 3.75
N VAL A 94 -0.48 -6.29 2.80
CA VAL A 94 -0.43 -6.99 1.50
C VAL A 94 1.01 -7.36 1.28
N VAL A 95 1.25 -8.60 0.92
CA VAL A 95 2.60 -9.12 0.81
C VAL A 95 2.82 -9.69 -0.61
N THR A 96 3.84 -9.20 -1.28
CA THR A 96 4.14 -9.70 -2.60
C THR A 96 5.24 -10.76 -2.52
N LEU A 97 5.37 -11.49 -3.61
CA LEU A 97 6.37 -12.57 -3.70
C LEU A 97 6.91 -12.58 -5.11
N ALA A 98 8.24 -12.65 -5.17
CA ALA A 98 8.91 -12.79 -6.43
C ALA A 98 8.90 -14.29 -6.81
N THR A 99 8.33 -14.62 -7.96
CA THR A 99 8.23 -16.01 -8.40
C THR A 99 8.77 -16.14 -9.78
N ALA A 100 9.08 -17.36 -10.17
CA ALA A 100 9.52 -17.58 -11.54
C ALA A 100 8.50 -17.14 -12.58
N ALA A 101 7.23 -17.03 -12.20
CA ALA A 101 6.16 -16.61 -13.10
C ALA A 101 5.84 -15.13 -12.99
N GLY A 102 6.65 -14.39 -12.26
CA GLY A 102 6.39 -12.97 -12.02
C GLY A 102 6.04 -12.66 -10.60
N TYR A 103 5.72 -11.39 -10.35
CA TYR A 103 5.36 -10.98 -9.03
C TYR A 103 3.93 -11.41 -8.71
N LYS A 104 3.70 -12.03 -7.55
CA LYS A 104 2.36 -12.45 -7.14
C LYS A 104 2.03 -11.92 -5.76
N ILE A 105 0.74 -11.96 -5.39
CA ILE A 105 0.32 -11.62 -4.05
C ILE A 105 0.37 -12.91 -3.19
N LEU A 106 1.28 -12.91 -2.24
CA LEU A 106 1.41 -13.98 -1.29
C LEU A 106 0.37 -13.90 -0.21
N GLY A 107 0.11 -12.70 0.26
CA GLY A 107 -0.81 -12.52 1.36
C GLY A 107 -1.55 -11.19 1.33
N SER A 108 -2.74 -11.24 1.95
CA SER A 108 -3.59 -10.08 2.12
C SER A 108 -4.35 -10.26 3.40
N GLY A 109 -4.35 -9.27 4.28
CA GLY A 109 -5.05 -9.36 5.55
C GLY A 109 -4.84 -8.14 6.39
N GLU A 110 -5.09 -8.31 7.67
CA GLU A 110 -5.09 -7.23 8.64
C GLU A 110 -4.19 -7.57 9.79
N TYR A 111 -3.39 -6.58 10.21
CA TYR A 111 -2.69 -6.67 11.50
C TYR A 111 -3.49 -6.08 12.60
N GLN A 112 -3.57 -6.80 13.72
CA GLN A 112 -4.18 -6.26 14.93
C GLN A 112 -3.07 -6.26 15.97
N ASP A 113 -2.75 -5.07 16.42
CA ASP A 113 -1.58 -4.80 17.21
C ASP A 113 -1.88 -4.26 18.61
N ARG A 114 -1.02 -4.67 19.55
CA ARG A 114 -0.86 -4.08 20.85
C ARG A 114 0.62 -3.63 21.01
N LEU A 115 0.83 -2.34 21.19
CA LEU A 115 2.15 -1.73 21.19
C LEU A 115 2.45 -1.15 22.57
N ILE A 116 3.73 -1.11 22.95
CA ILE A 116 4.14 -0.51 24.20
C ILE A 116 5.31 0.41 23.94
N LYS A 117 5.33 1.56 24.62
CA LYS A 117 6.38 2.55 24.52
C LYS A 117 7.27 2.43 25.73
N GLN A 118 8.53 2.13 25.51
CA GLN A 118 9.52 2.03 26.59
C GLN A 118 10.77 2.71 26.15
N ASP A 119 11.41 3.38 27.12
CA ASP A 119 12.63 4.12 26.87
C ASP A 119 12.47 4.96 25.64
N GLY A 120 11.31 5.57 25.52
CA GLY A 120 11.03 6.49 24.43
C GLY A 120 10.86 5.87 23.07
N GLN A 121 10.68 4.54 23.00
CA GLN A 121 10.53 3.85 21.72
C GLN A 121 9.31 2.93 21.74
N TRP A 122 8.49 3.02 20.71
CA TRP A 122 7.37 2.03 20.49
C TRP A 122 7.88 0.70 19.95
N ARG A 123 7.30 -0.38 20.52
CA ARG A 123 7.55 -1.72 20.03
C ARG A 123 6.28 -2.52 20.07
N ILE A 124 6.30 -3.63 19.35
CA ILE A 124 5.15 -4.51 19.25
C ILE A 124 5.21 -5.49 20.42
N ALA A 125 4.18 -5.37 21.28
CA ALA A 125 3.94 -6.38 22.31
C ALA A 125 3.23 -7.60 21.75
N TYR A 126 2.32 -7.37 20.85
CA TYR A 126 1.56 -8.45 20.22
C TYR A 126 1.06 -8.00 18.88
N ARG A 127 1.32 -8.79 17.84
CA ARG A 127 0.76 -8.53 16.50
C ARG A 127 0.14 -9.82 16.01
N ARG A 128 -1.15 -9.71 15.70
CA ARG A 128 -1.92 -10.81 15.10
C ARG A 128 -2.17 -10.49 13.62
N LEU A 129 -1.79 -11.38 12.72
CA LEU A 129 -2.15 -11.24 11.30
C LEU A 129 -3.33 -12.16 11.04
N ARG A 130 -4.40 -11.59 10.51
CA ARG A 130 -5.56 -12.35 10.02
C ARG A 130 -5.61 -12.22 8.52
N ASN A 131 -5.40 -13.32 7.79
CA ASN A 131 -5.35 -13.27 6.33
C ASN A 131 -6.77 -13.39 5.77
N ASP A 132 -7.03 -12.70 4.66
CA ASP A 132 -8.31 -12.71 4.05
C ASP A 132 -8.59 -14.07 3.42
N ARG A 133 -9.80 -14.56 3.62
CA ARG A 133 -10.19 -15.89 3.19
C ARG A 133 -11.31 -15.82 2.20
N LEU A 134 -11.62 -16.97 1.61
CA LEU A 134 -12.74 -17.07 0.68
C LEU A 134 -14.07 -16.88 1.40
N VAL A 135 -14.91 -15.99 0.88
CA VAL A 135 -16.21 -15.74 1.47
C VAL A 135 -17.00 -17.07 1.45
N SER A 136 -16.89 -17.81 0.35
CA SER A 136 -17.69 -19.00 0.11
C SER A 136 -17.21 -20.25 0.84
N ASP A 137 -15.90 -20.32 1.11
CA ASP A 137 -15.31 -21.49 1.76
C ASP A 137 -14.17 -21.04 2.66
N PRO A 138 -14.51 -20.44 3.82
CA PRO A 138 -13.50 -19.86 4.74
C PRO A 138 -12.52 -20.88 5.35
N SER A 139 -12.84 -22.17 5.24
CA SER A 139 -11.88 -23.26 5.53
C SER A 139 -10.60 -23.22 4.67
N VAL A 140 -10.77 -22.97 3.37
CA VAL A 140 -9.64 -22.84 2.44
C VAL A 140 -8.69 -21.67 2.75
N ALA A 141 -7.40 -21.99 2.90
CA ALA A 141 -6.34 -20.99 2.93
C ALA A 141 -6.09 -20.55 1.49
N VAL A 142 -6.22 -19.25 1.24
CA VAL A 142 -6.17 -18.72 -0.15
C VAL A 142 -4.73 -18.65 -0.65
N ASN A 143 -3.79 -18.55 0.29
CA ASN A 143 -2.36 -18.58 -0.02
C ASN A 143 -1.93 -19.87 -0.75
N VAL A 144 -2.56 -20.99 -0.40
CA VAL A 144 -2.20 -22.27 -1.01
C VAL A 144 -2.79 -22.51 -2.42
N ALA A 145 -3.49 -21.52 -2.98
CA ALA A 145 -4.16 -21.69 -4.27
C ALA A 145 -3.20 -21.70 -5.47
N ASP A 146 -2.21 -20.80 -5.50
CA ASP A 146 -1.20 -20.79 -6.59
C ASP A 146 0.04 -21.60 -6.17
N ALA A 147 0.61 -22.41 -7.07
CA ALA A 147 1.62 -23.44 -6.66
C ALA A 147 3.02 -22.96 -6.21
N ASP A 148 3.56 -21.96 -6.90
CA ASP A 148 4.71 -21.18 -6.42
C ASP A 148 4.45 -20.67 -5.02
N VAL A 149 3.33 -19.97 -4.92
CA VAL A 149 2.93 -19.38 -3.69
C VAL A 149 2.77 -20.45 -2.65
N ALA A 150 2.15 -21.58 -3.01
CA ALA A 150 1.76 -22.57 -2.04
C ALA A 150 2.95 -23.18 -1.34
N ALA A 151 4.07 -23.35 -2.04
CA ALA A 151 5.24 -23.96 -1.42
C ALA A 151 5.81 -23.01 -0.35
N VAL A 152 5.81 -21.72 -0.67
CA VAL A 152 6.33 -20.74 0.30
C VAL A 152 5.46 -20.73 1.54
N VAL A 153 4.15 -20.74 1.33
CA VAL A 153 3.19 -20.81 2.43
C VAL A 153 3.47 -22.02 3.33
N GLY A 154 3.74 -23.17 2.74
CA GLY A 154 4.02 -24.37 3.50
C GLY A 154 5.24 -24.24 4.39
N HIS A 155 6.30 -23.66 3.84
CA HIS A 155 7.54 -23.45 4.60
C HIS A 155 7.32 -22.53 5.80
N LEU A 156 6.50 -21.50 5.59
CA LEU A 156 6.27 -20.52 6.66
C LEU A 156 5.40 -21.11 7.75
N LEU A 157 4.36 -21.85 7.36
CA LEU A 157 3.55 -22.55 8.34
C LEU A 157 4.37 -23.59 9.10
N ALA A 158 5.28 -24.28 8.41
CA ALA A 158 6.19 -25.23 9.11
C ALA A 158 7.09 -24.55 10.17
N ALA A 159 7.66 -23.39 9.80
CA ALA A 159 8.43 -22.63 10.75
C ALA A 159 7.55 -22.28 11.93
N ALA A 160 6.32 -21.82 11.68
CA ALA A 160 5.47 -21.48 12.78
C ALA A 160 5.17 -22.64 13.70
N ARG A 161 4.94 -23.80 13.13
CA ARG A 161 4.71 -24.99 13.90
C ARG A 161 5.94 -25.42 14.76
N ARG A 162 7.13 -25.11 14.31
CA ARG A 162 8.34 -25.51 15.03
C ARG A 162 8.70 -24.49 16.07
N LEU A 163 8.28 -23.24 15.86
CA LEU A 163 8.71 -22.10 16.68
C LEU A 163 7.63 -21.56 17.60
N GLY A 164 6.39 -21.96 17.38
CA GLY A 164 5.30 -21.35 18.09
C GLY A 164 4.45 -22.36 18.81
N THR A 165 3.39 -21.87 19.43
CA THR A 165 2.34 -22.75 19.90
C THR A 165 0.97 -22.38 19.46
N GLN A 166 0.08 -23.38 19.49
CA GLN A 166 -1.23 -23.22 18.92
C GLN A 166 -2.08 -22.32 19.84
N MET A 167 -2.89 -21.46 19.25
CA MET A 167 -3.72 -20.56 20.06
C MET A 167 -4.87 -21.36 20.71
N SER A 168 -5.35 -20.83 21.86
CA SER A 168 -6.24 -21.52 22.77
C SER A 168 -7.66 -21.50 22.24
N ASP A 169 -7.94 -20.57 21.33
CA ASP A 169 -9.26 -20.40 20.75
C ASP A 169 -9.26 -20.98 19.32
N GLU B 8 -3.68 23.56 12.97
CA GLU B 8 -2.53 23.42 12.01
C GLU B 8 -2.85 22.42 10.90
N GLN B 9 -2.45 22.83 9.70
CA GLN B 9 -2.72 22.10 8.50
C GLN B 9 -2.21 20.69 8.61
N TRP B 10 -1.03 20.50 9.22
CA TRP B 10 -0.50 19.13 9.32
C TRP B 10 -1.30 18.18 10.18
N ILE B 11 -1.86 18.63 11.27
CA ILE B 11 -2.76 17.75 12.05
C ILE B 11 -4.01 17.37 11.23
N GLU B 12 -4.54 18.29 10.41
CA GLU B 12 -5.65 17.93 9.53
C GLU B 12 -5.28 16.82 8.57
N ILE B 13 -4.07 16.87 8.01
CA ILE B 13 -3.62 15.82 7.11
C ILE B 13 -3.59 14.45 7.80
N LEU B 14 -3.14 14.43 9.07
CA LEU B 14 -3.13 13.13 9.79
C LEU B 14 -4.59 12.64 10.03
N ARG B 15 -5.48 13.57 10.33
CA ARG B 15 -6.87 13.23 10.54
C ARG B 15 -7.48 12.67 9.27
N ILE B 16 -7.13 13.28 8.12
CA ILE B 16 -7.62 12.78 6.83
C ILE B 16 -7.10 11.40 6.50
N GLN B 17 -5.83 11.17 6.84
CA GLN B 17 -5.21 9.87 6.72
C GLN B 17 -6.01 8.83 7.49
N ALA B 18 -6.41 9.19 8.69
CA ALA B 18 -7.15 8.25 9.56
C ALA B 18 -8.53 8.00 8.98
N LEU B 19 -9.17 9.03 8.43
CA LEU B 19 -10.44 8.79 7.71
C LEU B 19 -10.30 7.82 6.58
N CYS B 20 -9.26 8.01 5.77
CA CYS B 20 -9.00 7.06 4.67
C CYS B 20 -8.79 5.64 5.17
N ALA B 21 -8.07 5.50 6.24
CA ALA B 21 -7.78 4.18 6.85
C ALA B 21 -9.09 3.55 7.32
N ARG B 22 -9.91 4.37 7.98
CA ARG B 22 -11.21 3.88 8.46
C ARG B 22 -12.11 3.40 7.38
N TYR B 23 -12.11 4.10 6.25
CA TYR B 23 -12.86 3.64 5.09
C TYR B 23 -12.46 2.26 4.68
N CYS B 24 -11.16 2.00 4.62
CA CYS B 24 -10.74 0.70 4.12
C CYS B 24 -11.00 -0.36 5.20
N LEU B 25 -10.69 -0.05 6.45
CA LEU B 25 -10.79 -1.07 7.51
C LEU B 25 -12.23 -1.48 7.81
N THR B 26 -13.17 -0.54 7.73
CA THR B 26 -14.58 -0.85 7.87
C THR B 26 -15.10 -1.75 6.79
N ILE B 27 -14.91 -1.36 5.53
CA ILE B 27 -15.45 -2.20 4.46
C ILE B 27 -14.82 -3.60 4.46
N ASN B 28 -13.53 -3.65 4.81
CA ASN B 28 -12.79 -4.91 4.74
C ASN B 28 -13.10 -5.80 5.89
N THR B 29 -13.80 -5.29 6.90
CA THR B 29 -14.29 -6.16 7.97
C THR B 29 -15.82 -6.26 7.98
N GLN B 30 -16.45 -5.91 6.86
CA GLN B 30 -17.91 -6.08 6.67
C GLN B 30 -18.69 -5.26 7.68
N ASP B 31 -18.17 -4.07 7.97
CA ASP B 31 -18.79 -3.11 8.93
C ASP B 31 -19.41 -2.02 8.08
N GLY B 32 -20.57 -2.34 7.54
CA GLY B 32 -21.21 -1.40 6.64
C GLY B 32 -21.68 -0.10 7.29
N GLU B 33 -22.14 -0.16 8.53
CA GLU B 33 -22.51 1.08 9.27
C GLU B 33 -21.32 2.01 9.43
N GLY B 34 -20.21 1.38 9.78
CA GLY B 34 -18.92 2.07 9.96
C GLY B 34 -18.48 2.71 8.65
N TRP B 35 -18.63 1.96 7.57
CA TRP B 35 -18.25 2.43 6.24
C TRP B 35 -19.09 3.63 5.83
N ALA B 36 -20.39 3.50 5.93
CA ALA B 36 -21.27 4.62 5.62
C ALA B 36 -21.00 5.82 6.51
N GLY B 37 -20.60 5.57 7.75
CA GLY B 37 -20.21 6.63 8.67
C GLY B 37 -18.95 7.39 8.31
N CYS B 38 -18.19 6.92 7.33
CA CYS B 38 -17.07 7.69 6.82
C CYS B 38 -17.53 8.80 5.88
N PHE B 39 -18.79 8.73 5.45
CA PHE B 39 -19.35 9.75 4.55
C PHE B 39 -20.24 10.70 5.33
N THR B 40 -20.46 11.87 4.77
CA THR B 40 -21.44 12.79 5.29
C THR B 40 -22.82 12.18 5.05
N GLU B 41 -23.84 12.76 5.65
CA GLU B 41 -25.16 12.12 5.63
C GLU B 41 -25.70 11.94 4.23
N ASP B 42 -25.45 12.95 3.39
CA ASP B 42 -25.83 12.89 1.98
C ASP B 42 -24.63 12.73 1.04
N GLY B 43 -23.58 12.09 1.53
CA GLY B 43 -22.33 11.93 0.80
C GLY B 43 -22.49 10.86 -0.25
N ALA B 44 -21.56 10.79 -1.19
CA ALA B 44 -21.73 9.88 -2.32
C ALA B 44 -20.40 9.20 -2.68
N PHE B 45 -20.57 8.03 -3.31
CA PHE B 45 -19.49 7.23 -3.83
C PHE B 45 -19.78 6.98 -5.30
N GLU B 46 -18.83 7.34 -6.17
CA GLU B 46 -18.92 7.11 -7.59
C GLU B 46 -17.89 6.14 -8.09
N PHE B 47 -18.37 5.13 -8.80
CA PHE B 47 -17.46 4.17 -9.46
C PHE B 47 -18.13 3.57 -10.68
N ASP B 48 -17.31 3.31 -11.70
CA ASP B 48 -17.80 2.64 -12.93
C ASP B 48 -19.03 3.34 -13.53
N GLY B 49 -19.09 4.67 -13.47
CA GLY B 49 -20.23 5.42 -13.95
C GLY B 49 -21.53 5.41 -13.15
N TRP B 50 -21.50 4.93 -11.91
CA TRP B 50 -22.66 4.94 -11.02
C TRP B 50 -22.32 5.73 -9.78
N VAL B 51 -23.31 6.44 -9.25
CA VAL B 51 -23.11 7.21 -8.02
C VAL B 51 -24.12 6.69 -7.02
N ILE B 52 -23.65 6.32 -5.84
CA ILE B 52 -24.48 5.88 -4.73
C ILE B 52 -24.47 6.95 -3.71
N ARG B 53 -25.65 7.46 -3.40
CA ARG B 53 -25.74 8.66 -2.57
C ARG B 53 -26.54 8.45 -1.30
N GLY B 54 -26.00 8.94 -0.17
CA GLY B 54 -26.63 8.91 1.14
C GLY B 54 -26.32 7.68 1.96
N ARG B 55 -26.20 7.84 3.27
CA ARG B 55 -25.80 6.74 4.11
C ARG B 55 -26.66 5.50 3.98
N PRO B 56 -27.98 5.66 3.89
CA PRO B 56 -28.78 4.45 3.70
C PRO B 56 -28.34 3.58 2.52
N ALA B 57 -28.14 4.20 1.35
CA ALA B 57 -27.78 3.44 0.18
C ALA B 57 -26.35 2.94 0.31
N LEU B 58 -25.47 3.77 0.87
CA LEU B 58 -24.08 3.35 1.04
C LEU B 58 -23.98 2.16 1.98
N ARG B 59 -24.76 2.16 3.05
CA ARG B 59 -24.84 0.96 3.91
C ARG B 59 -25.29 -0.29 3.15
N GLU B 60 -26.32 -0.17 2.34
CA GLU B 60 -26.78 -1.25 1.49
C GLU B 60 -25.69 -1.74 0.55
N TYR B 61 -24.95 -0.80 -0.05
CA TYR B 61 -23.81 -1.14 -0.90
C TYR B 61 -22.77 -1.97 -0.15
N ALA B 62 -22.33 -1.45 0.98
CA ALA B 62 -21.39 -2.15 1.84
C ALA B 62 -21.85 -3.57 2.22
N ASP B 63 -23.13 -3.71 2.57
CA ASP B 63 -23.68 -5.04 2.84
C ASP B 63 -23.60 -6.00 1.61
N ALA B 64 -23.92 -5.48 0.43
CA ALA B 64 -23.82 -6.25 -0.83
C ALA B 64 -22.39 -6.66 -1.11
N HIS B 65 -21.48 -5.72 -0.88
CA HIS B 65 -20.07 -5.93 -1.00
C HIS B 65 -19.61 -7.07 -0.07
N ALA B 66 -20.03 -7.01 1.18
CA ALA B 66 -19.64 -8.03 2.15
C ALA B 66 -20.08 -9.43 1.75
N ARG B 67 -21.16 -9.55 0.99
CA ARG B 67 -21.64 -10.89 0.60
C ARG B 67 -20.73 -11.58 -0.36
N VAL B 68 -19.94 -10.81 -1.11
CA VAL B 68 -19.17 -11.38 -2.22
C VAL B 68 -17.69 -11.12 -2.29
N VAL B 69 -17.13 -10.23 -1.45
CA VAL B 69 -15.73 -9.84 -1.52
C VAL B 69 -15.02 -10.15 -0.19
N ARG B 70 -13.88 -10.82 -0.26
CA ARG B 70 -12.93 -10.77 0.84
C ARG B 70 -11.60 -10.31 0.18
N GLY B 71 -11.01 -9.33 0.79
CA GLY B 71 -9.76 -8.76 0.30
C GLY B 71 -9.49 -7.50 1.04
N ARG B 72 -8.51 -6.76 0.55
CA ARG B 72 -7.97 -5.57 1.21
C ARG B 72 -8.10 -4.41 0.29
N HIS B 73 -8.59 -3.26 0.78
CA HIS B 73 -8.48 -1.99 0.12
C HIS B 73 -7.26 -1.31 0.70
N LEU B 74 -6.27 -1.01 -0.13
CA LEU B 74 -5.10 -0.23 0.24
C LEU B 74 -5.28 1.18 -0.25
N THR B 75 -5.02 2.17 0.60
CA THR B 75 -5.05 3.54 0.16
C THR B 75 -3.70 4.13 0.52
N THR B 76 -3.03 4.73 -0.45
CA THR B 76 -1.69 5.23 -0.19
C THR B 76 -1.48 6.43 -1.05
N ASP B 77 -0.28 7.04 -0.91
CA ASP B 77 0.05 8.21 -1.74
C ASP B 77 -0.95 9.41 -1.54
N LEU B 78 -1.37 9.69 -0.31
CA LEU B 78 -2.38 10.66 -0.06
C LEU B 78 -1.87 12.08 -0.25
N LEU B 79 -2.56 12.86 -1.08
CA LEU B 79 -2.22 14.28 -1.29
C LEU B 79 -3.49 15.17 -1.29
N TYR B 80 -3.68 15.97 -0.23
CA TYR B 80 -4.92 16.71 0.05
C TYR B 80 -4.65 18.19 0.28
N GLU B 81 -5.50 19.03 -0.28
CA GLU B 81 -5.50 20.50 -0.05
C GLU B 81 -6.63 20.82 0.93
N VAL B 82 -6.25 21.27 2.11
CA VAL B 82 -7.17 21.63 3.19
C VAL B 82 -7.42 23.13 3.14
N ASP B 83 -8.67 23.54 3.05
CA ASP B 83 -9.02 24.92 3.11
C ASP B 83 -10.11 25.07 4.18
N GLY B 84 -9.71 25.39 5.40
CA GLY B 84 -10.65 25.44 6.49
C GLY B 84 -11.29 24.09 6.77
N ASP B 85 -12.59 24.02 6.62
CA ASP B 85 -13.33 22.82 6.97
C ASP B 85 -13.71 22.00 5.76
N VAL B 86 -13.04 22.23 4.64
CA VAL B 86 -13.19 21.42 3.44
C VAL B 86 -11.80 20.99 2.98
N ALA B 87 -11.76 19.89 2.25
CA ALA B 87 -10.48 19.46 1.62
C ALA B 87 -10.79 18.75 0.30
N THR B 88 -9.87 18.84 -0.63
CA THR B 88 -10.00 18.14 -1.91
C THR B 88 -8.70 17.42 -2.03
N GLY B 89 -8.70 16.20 -2.53
CA GLY B 89 -7.44 15.52 -2.69
C GLY B 89 -7.54 14.24 -3.48
N ARG B 90 -6.40 13.53 -3.56
CA ARG B 90 -6.28 12.32 -4.33
C ARG B 90 -5.49 11.31 -3.53
N SER B 91 -5.79 10.04 -3.81
CA SER B 91 -4.98 8.98 -3.27
C SER B 91 -5.05 7.78 -4.19
N ALA B 92 -4.06 6.93 -4.07
CA ALA B 92 -4.02 5.73 -4.82
C ALA B 92 -4.83 4.62 -4.18
N SER B 93 -5.51 3.82 -5.00
CA SER B 93 -6.31 2.72 -4.54
C SER B 93 -5.82 1.44 -5.17
N VAL B 94 -5.50 0.43 -4.40
CA VAL B 94 -5.26 -0.94 -4.95
C VAL B 94 -6.06 -1.84 -4.06
N VAL B 95 -6.82 -2.73 -4.68
CA VAL B 95 -7.78 -3.61 -3.99
C VAL B 95 -7.47 -5.05 -4.35
N THR B 96 -7.18 -5.87 -3.33
CA THR B 96 -6.92 -7.29 -3.55
C THR B 96 -8.16 -8.08 -3.30
N LEU B 97 -8.19 -9.29 -3.83
CA LEU B 97 -9.34 -10.13 -3.74
C LEU B 97 -8.87 -11.58 -3.59
N ALA B 98 -9.47 -12.28 -2.62
CA ALA B 98 -9.25 -13.70 -2.43
C ALA B 98 -10.08 -14.43 -3.46
N THR B 99 -9.43 -15.23 -4.29
CA THR B 99 -10.11 -16.04 -5.30
C THR B 99 -9.70 -17.47 -5.18
N ALA B 100 -10.40 -18.34 -5.90
CA ALA B 100 -10.04 -19.75 -5.84
C ALA B 100 -8.77 -20.03 -6.61
N ALA B 101 -8.24 -19.02 -7.30
CA ALA B 101 -6.97 -19.13 -7.97
C ALA B 101 -5.91 -18.28 -7.23
N GLY B 102 -6.15 -17.92 -5.98
CA GLY B 102 -5.14 -17.13 -5.26
C GLY B 102 -5.59 -15.71 -5.08
N TYR B 103 -4.72 -14.89 -4.50
CA TYR B 103 -5.05 -13.50 -4.39
C TYR B 103 -4.77 -12.78 -5.72
N LYS B 104 -5.71 -11.96 -6.14
CA LYS B 104 -5.57 -11.21 -7.37
C LYS B 104 -5.89 -9.74 -7.08
N ILE B 105 -5.62 -8.89 -8.05
CA ILE B 105 -5.94 -7.48 -7.99
C ILE B 105 -7.30 -7.20 -8.62
N LEU B 106 -8.24 -6.85 -7.77
CA LEU B 106 -9.55 -6.42 -8.19
C LEU B 106 -9.60 -5.00 -8.73
N GLY B 107 -8.84 -4.07 -8.14
CA GLY B 107 -8.87 -2.72 -8.59
C GLY B 107 -7.49 -2.09 -8.46
N SER B 108 -7.27 -1.13 -9.34
CA SER B 108 -6.09 -0.26 -9.30
C SER B 108 -6.58 1.06 -9.87
N GLY B 109 -6.42 2.16 -9.16
CA GLY B 109 -6.91 3.44 -9.61
C GLY B 109 -6.64 4.50 -8.59
N GLU B 110 -7.40 5.59 -8.72
CA GLU B 110 -7.21 6.83 -7.94
C GLU B 110 -8.56 7.17 -7.32
N TYR B 111 -8.52 7.54 -6.04
CA TYR B 111 -9.67 8.20 -5.39
C TYR B 111 -9.51 9.69 -5.56
N GLN B 112 -10.64 10.34 -5.95
CA GLN B 112 -10.70 11.79 -6.07
C GLN B 112 -11.80 12.22 -5.11
N ASP B 113 -11.38 12.92 -4.05
CA ASP B 113 -12.17 13.17 -2.85
C ASP B 113 -12.46 14.65 -2.63
N ARG B 114 -13.66 14.88 -2.09
CA ARG B 114 -14.09 16.15 -1.54
C ARG B 114 -14.58 15.81 -0.11
N LEU B 115 -13.87 16.39 0.88
CA LEU B 115 -14.08 16.10 2.29
C LEU B 115 -14.62 17.30 3.01
N ILE B 116 -15.38 17.04 4.05
CA ILE B 116 -15.89 18.13 4.87
C ILE B 116 -15.69 17.79 6.33
N LYS B 117 -15.30 18.80 7.11
CA LYS B 117 -15.08 18.64 8.55
C LYS B 117 -16.27 19.21 9.33
N GLN B 118 -16.86 18.41 10.19
CA GLN B 118 -18.00 18.89 10.99
C GLN B 118 -17.96 18.20 12.31
N ASP B 119 -18.35 18.94 13.36
CA ASP B 119 -18.29 18.41 14.70
C ASP B 119 -16.92 17.84 15.02
N GLY B 120 -15.88 18.47 14.46
CA GLY B 120 -14.51 18.08 14.72
C GLY B 120 -14.02 16.85 13.99
N GLN B 121 -14.81 16.36 13.02
CA GLN B 121 -14.45 15.12 12.31
C GLN B 121 -14.54 15.31 10.79
N TRP B 122 -13.53 14.83 10.08
CA TRP B 122 -13.57 14.81 8.63
C TRP B 122 -14.44 13.66 8.16
N ARG B 123 -15.26 13.94 7.14
CA ARG B 123 -15.92 12.89 6.43
C ARG B 123 -15.93 13.13 4.93
N ILE B 124 -16.27 12.07 4.21
CA ILE B 124 -16.30 12.12 2.73
C ILE B 124 -17.64 12.70 2.27
N ALA B 125 -17.60 13.82 1.57
CA ALA B 125 -18.79 14.32 0.92
C ALA B 125 -18.99 13.71 -0.46
N TYR B 126 -17.87 13.51 -1.13
CA TYR B 126 -17.87 12.84 -2.45
C TYR B 126 -16.54 12.16 -2.69
N ARG B 127 -16.62 10.89 -3.08
CA ARG B 127 -15.43 10.10 -3.44
C ARG B 127 -15.71 9.45 -4.77
N ARG B 128 -14.87 9.75 -5.74
CA ARG B 128 -14.93 9.10 -7.04
C ARG B 128 -13.73 8.17 -7.15
N LEU B 129 -13.96 6.90 -7.48
CA LEU B 129 -12.89 5.94 -7.84
C LEU B 129 -12.79 5.86 -9.34
N ARG B 130 -11.61 6.18 -9.87
CA ARG B 130 -11.36 6.11 -11.29
C ARG B 130 -10.37 4.97 -11.49
N ASN B 131 -10.78 3.86 -12.08
CA ASN B 131 -9.77 2.80 -12.20
C ASN B 131 -8.89 3.03 -13.42
N ASP B 132 -7.69 2.48 -13.33
CA ASP B 132 -6.72 2.58 -14.39
C ASP B 132 -7.15 1.80 -15.61
N ARG B 133 -6.89 2.42 -16.75
CA ARG B 133 -7.31 1.91 -18.05
C ARG B 133 -6.15 1.37 -18.85
N LEU B 134 -6.44 0.55 -19.86
CA LEU B 134 -5.40 0.14 -20.81
C LEU B 134 -4.99 1.32 -21.66
N VAL B 135 -3.68 1.50 -21.88
CA VAL B 135 -3.21 2.63 -22.68
C VAL B 135 -3.65 2.35 -24.13
N SER B 136 -3.63 1.09 -24.51
CA SER B 136 -3.92 0.73 -25.90
C SER B 136 -5.42 0.81 -26.25
N ASP B 137 -6.30 0.83 -25.25
CA ASP B 137 -7.76 0.87 -25.50
C ASP B 137 -8.52 1.29 -24.27
N PRO B 138 -8.76 2.60 -24.11
CA PRO B 138 -9.47 3.08 -22.93
C PRO B 138 -10.90 2.58 -22.70
N SER B 139 -11.51 1.94 -23.69
CA SER B 139 -12.89 1.48 -23.56
C SER B 139 -13.04 0.19 -22.75
N VAL B 140 -11.93 -0.56 -22.64
CA VAL B 140 -11.86 -1.85 -21.98
C VAL B 140 -11.94 -1.67 -20.45
N ALA B 141 -12.79 -2.46 -19.80
CA ALA B 141 -12.92 -2.48 -18.38
C ALA B 141 -11.89 -3.49 -17.91
N VAL B 142 -10.75 -3.02 -17.40
CA VAL B 142 -9.70 -3.96 -17.02
C VAL B 142 -10.13 -4.84 -15.83
N ASN B 143 -11.04 -4.36 -14.99
CA ASN B 143 -11.45 -5.17 -13.83
C ASN B 143 -12.32 -6.36 -14.20
N VAL B 144 -12.76 -6.48 -15.43
CA VAL B 144 -13.41 -7.72 -15.85
C VAL B 144 -12.60 -8.59 -16.83
N ALA B 145 -11.33 -8.25 -17.07
CA ALA B 145 -10.47 -8.97 -17.98
C ALA B 145 -10.07 -10.35 -17.43
N ASP B 146 -9.97 -10.47 -16.12
CA ASP B 146 -9.70 -11.73 -15.45
C ASP B 146 -11.03 -12.27 -14.91
N ALA B 147 -11.35 -13.50 -15.31
CA ALA B 147 -12.67 -14.07 -14.99
C ALA B 147 -12.91 -14.23 -13.51
N ASP B 148 -11.83 -14.51 -12.74
CA ASP B 148 -11.98 -14.69 -11.27
C ASP B 148 -12.40 -13.35 -10.64
N VAL B 149 -11.80 -12.28 -11.14
CA VAL B 149 -12.08 -10.95 -10.66
C VAL B 149 -13.43 -10.47 -11.18
N ALA B 150 -13.72 -10.74 -12.43
CA ALA B 150 -14.95 -10.23 -13.09
C ALA B 150 -16.18 -10.76 -12.36
N ALA B 151 -16.08 -11.99 -11.85
CA ALA B 151 -17.23 -12.60 -11.13
C ALA B 151 -17.70 -11.70 -10.02
N VAL B 152 -16.75 -11.13 -9.29
CA VAL B 152 -17.10 -10.33 -8.14
C VAL B 152 -17.55 -8.94 -8.64
N VAL B 153 -16.85 -8.35 -9.60
CA VAL B 153 -17.21 -7.04 -10.14
C VAL B 153 -18.66 -7.05 -10.55
N GLY B 154 -19.12 -8.11 -11.22
CA GLY B 154 -20.49 -8.20 -11.62
C GLY B 154 -21.53 -8.02 -10.52
N HIS B 155 -21.23 -8.57 -9.35
CA HIS B 155 -22.11 -8.44 -8.16
C HIS B 155 -22.05 -7.00 -7.64
N LEU B 156 -20.88 -6.39 -7.70
CA LEU B 156 -20.73 -5.03 -7.22
C LEU B 156 -21.49 -4.09 -8.12
N LEU B 157 -21.40 -4.30 -9.43
CA LEU B 157 -22.17 -3.48 -10.38
C LEU B 157 -23.69 -3.70 -10.24
N ALA B 158 -24.14 -4.92 -9.95
CA ALA B 158 -25.56 -5.16 -9.68
C ALA B 158 -26.07 -4.33 -8.52
N ALA B 159 -25.23 -4.24 -7.47
CA ALA B 159 -25.59 -3.46 -6.25
C ALA B 159 -25.65 -1.97 -6.60
N ALA B 160 -24.71 -1.50 -7.39
CA ALA B 160 -24.68 -0.10 -7.84
C ALA B 160 -25.88 0.25 -8.66
N ARG B 161 -26.24 -0.65 -9.58
CA ARG B 161 -27.43 -0.45 -10.44
C ARG B 161 -28.73 -0.37 -9.67
N ARG B 162 -28.82 -1.18 -8.63
CA ARG B 162 -29.97 -1.23 -7.75
C ARG B 162 -30.06 -0.03 -6.82
N LEU B 163 -28.91 0.50 -6.40
CA LEU B 163 -28.82 1.48 -5.31
C LEU B 163 -28.45 2.91 -5.79
N GLY B 164 -27.91 3.03 -7.00
CA GLY B 164 -27.34 4.27 -7.48
C GLY B 164 -27.98 4.81 -8.76
N THR B 165 -27.38 5.85 -9.27
CA THR B 165 -27.82 6.53 -10.47
C THR B 165 -26.65 6.69 -11.42
N GLN B 166 -26.90 6.57 -12.72
CA GLN B 166 -25.82 6.73 -13.70
C GLN B 166 -25.36 8.20 -13.75
N MET B 167 -24.09 8.43 -14.06
CA MET B 167 -23.56 9.80 -14.14
C MET B 167 -23.93 10.58 -15.45
N SER B 168 -23.81 11.93 -15.44
CA SER B 168 -24.14 12.77 -16.64
C SER B 168 -23.08 12.76 -17.76
N GLN C 9 10.82 18.28 13.02
CA GLN C 9 11.30 16.94 12.56
C GLN C 9 10.10 16.20 12.08
N TRP C 10 9.04 16.17 12.89
CA TRP C 10 7.77 15.54 12.46
C TRP C 10 7.16 16.24 11.27
N ILE C 11 7.24 17.56 11.22
CA ILE C 11 6.70 18.26 10.06
C ILE C 11 7.50 17.94 8.82
N GLU C 12 8.81 17.81 8.96
CA GLU C 12 9.62 17.43 7.80
C GLU C 12 9.26 16.04 7.31
N ILE C 13 9.02 15.10 8.21
CA ILE C 13 8.54 13.78 7.82
C ILE C 13 7.22 13.84 7.01
N LEU C 14 6.27 14.70 7.39
CA LEU C 14 5.04 14.79 6.66
C LEU C 14 5.30 15.43 5.26
N ARG C 15 6.19 16.40 5.21
CA ARG C 15 6.56 17.02 3.94
C ARG C 15 7.18 15.98 2.98
N ILE C 16 8.04 15.11 3.52
CA ILE C 16 8.66 14.02 2.73
C ILE C 16 7.64 13.01 2.28
N GLN C 17 6.67 12.68 3.13
CA GLN C 17 5.54 11.86 2.69
C GLN C 17 4.79 12.46 1.52
N ALA C 18 4.60 13.77 1.57
CA ALA C 18 3.89 14.50 0.52
C ALA C 18 4.68 14.46 -0.77
N LEU C 19 5.99 14.55 -0.65
CA LEU C 19 6.87 14.46 -1.85
C LEU C 19 6.77 13.11 -2.47
N CYS C 20 6.78 12.05 -1.64
CA CYS C 20 6.67 10.71 -2.19
C CYS C 20 5.32 10.54 -2.90
N ALA C 21 4.26 11.10 -2.31
CA ALA C 21 2.90 11.02 -2.88
C ALA C 21 2.83 11.74 -4.22
N ARG C 22 3.46 12.90 -4.32
CA ARG C 22 3.48 13.62 -5.55
C ARG C 22 4.28 12.94 -6.65
N TYR C 23 5.38 12.28 -6.28
CA TYR C 23 6.09 11.44 -7.22
C TYR C 23 5.19 10.42 -7.85
N CYS C 24 4.39 9.73 -7.03
CA CYS C 24 3.48 8.72 -7.60
C CYS C 24 2.33 9.33 -8.41
N LEU C 25 1.75 10.40 -7.89
CA LEU C 25 0.56 10.93 -8.54
C LEU C 25 0.87 11.59 -9.87
N THR C 26 2.04 12.20 -9.97
CA THR C 26 2.49 12.81 -11.23
C THR C 26 2.77 11.77 -12.29
N ILE C 27 3.59 10.75 -11.99
CA ILE C 27 3.90 9.76 -13.03
C ILE C 27 2.59 9.00 -13.40
N ASN C 28 1.74 8.72 -12.42
CA ASN C 28 0.50 7.95 -12.67
C ASN C 28 -0.60 8.72 -13.39
N THR C 29 -0.41 10.01 -13.52
CA THR C 29 -1.29 10.90 -14.31
C THR C 29 -0.57 11.42 -15.56
N GLN C 30 0.55 10.80 -15.92
CA GLN C 30 1.30 11.21 -17.13
C GLN C 30 1.76 12.67 -17.14
N ASP C 31 2.02 13.20 -15.94
CA ASP C 31 2.59 14.55 -15.75
C ASP C 31 4.11 14.53 -15.61
N GLY C 32 4.81 14.41 -16.73
CA GLY C 32 6.25 14.29 -16.68
C GLY C 32 6.97 15.49 -16.15
N GLU C 33 6.46 16.69 -16.45
CA GLU C 33 7.01 17.94 -15.87
C GLU C 33 6.96 17.89 -14.32
N GLY C 34 5.80 17.55 -13.80
CA GLY C 34 5.58 17.42 -12.35
C GLY C 34 6.47 16.33 -11.78
N TRP C 35 6.64 15.23 -12.48
CA TRP C 35 7.48 14.12 -11.98
C TRP C 35 8.91 14.57 -11.87
N ALA C 36 9.46 15.10 -12.94
CA ALA C 36 10.81 15.65 -12.90
C ALA C 36 10.94 16.69 -11.86
N GLY C 37 9.90 17.48 -11.61
CA GLY C 37 9.92 18.47 -10.54
C GLY C 37 10.01 17.94 -9.12
N CYS C 38 9.88 16.62 -8.95
CA CYS C 38 10.05 16.00 -7.63
C CYS C 38 11.53 15.83 -7.34
N PHE C 39 12.35 15.96 -8.37
CA PHE C 39 13.80 15.81 -8.22
C PHE C 39 14.50 17.19 -8.16
N THR C 40 15.66 17.22 -7.56
CA THR C 40 16.51 18.38 -7.70
C THR C 40 16.89 18.58 -9.15
N GLU C 41 17.36 19.79 -9.51
CA GLU C 41 17.63 20.04 -10.91
C GLU C 41 18.60 19.03 -11.51
N ASP C 42 19.59 18.64 -10.72
CA ASP C 42 20.58 17.65 -11.10
C ASP C 42 20.40 16.28 -10.41
N GLY C 43 19.17 15.97 -10.04
CA GLY C 43 18.86 14.72 -9.36
C GLY C 43 18.86 13.53 -10.27
N ALA C 44 18.83 12.36 -9.66
CA ALA C 44 18.94 11.12 -10.40
C ALA C 44 17.94 10.09 -9.96
N PHE C 45 17.49 9.33 -10.93
CA PHE C 45 16.66 8.16 -10.71
C PHE C 45 17.47 6.97 -11.24
N GLU C 46 17.66 5.94 -10.42
CA GLU C 46 18.39 4.78 -10.85
C GLU C 46 17.51 3.55 -10.89
N PHE C 47 17.43 2.89 -12.02
CA PHE C 47 16.84 1.56 -11.91
C PHE C 47 17.42 0.59 -12.87
N ASP C 48 17.40 -0.62 -12.38
CA ASP C 48 18.12 -1.69 -12.98
C ASP C 48 19.52 -1.22 -13.35
N GLY C 49 20.07 -0.34 -12.50
CA GLY C 49 21.45 0.06 -12.60
C GLY C 49 21.69 1.25 -13.51
N TRP C 50 20.69 1.66 -14.25
CA TRP C 50 20.85 2.79 -15.15
C TRP C 50 20.47 4.05 -14.44
N VAL C 51 21.37 5.00 -14.42
CA VAL C 51 21.17 6.24 -13.70
C VAL C 51 20.76 7.31 -14.70
N ILE C 52 19.58 7.82 -14.50
CA ILE C 52 19.01 8.88 -15.33
C ILE C 52 19.12 10.18 -14.55
N ARG C 53 19.93 11.07 -15.07
CA ARG C 53 20.33 12.26 -14.33
C ARG C 53 19.85 13.57 -14.98
N GLY C 54 19.28 14.43 -14.15
CA GLY C 54 18.84 15.74 -14.52
C GLY C 54 17.41 15.80 -14.98
N ARG C 55 16.77 16.93 -14.67
CA ARG C 55 15.35 17.07 -15.03
C ARG C 55 15.04 16.84 -16.52
N PRO C 56 15.89 17.33 -17.44
CA PRO C 56 15.59 17.09 -18.82
C PRO C 56 15.49 15.61 -19.13
N ALA C 57 16.44 14.80 -18.70
CA ALA C 57 16.36 13.33 -18.94
C ALA C 57 15.23 12.68 -18.17
N LEU C 58 15.04 13.12 -16.93
CA LEU C 58 13.93 12.58 -16.11
C LEU C 58 12.58 12.83 -16.76
N ARG C 59 12.37 14.03 -17.29
CA ARG C 59 11.16 14.32 -18.03
C ARG C 59 10.96 13.43 -19.27
N GLU C 60 12.05 13.18 -19.99
CA GLU C 60 12.02 12.27 -21.11
C GLU C 60 11.64 10.83 -20.66
N TYR C 61 12.21 10.41 -19.54
CA TYR C 61 11.86 9.11 -18.97
C TYR C 61 10.36 9.02 -18.68
N ALA C 62 9.82 10.02 -17.99
CA ALA C 62 8.39 10.00 -17.64
C ALA C 62 7.54 9.97 -18.92
N ASP C 63 7.92 10.73 -19.95
CA ASP C 63 7.22 10.73 -21.25
C ASP C 63 7.22 9.31 -21.86
N ALA C 64 8.37 8.65 -21.83
CA ALA C 64 8.48 7.31 -22.40
C ALA C 64 7.59 6.34 -21.61
N HIS C 65 7.63 6.48 -20.29
CA HIS C 65 6.82 5.67 -19.35
C HIS C 65 5.33 5.86 -19.70
N ALA C 66 4.92 7.09 -19.91
CA ALA C 66 3.51 7.41 -20.24
C ALA C 66 3.00 6.77 -21.51
N ARG C 67 3.90 6.50 -22.44
CA ARG C 67 3.53 5.90 -23.70
C ARG C 67 3.14 4.43 -23.56
N VAL C 68 3.61 3.76 -22.52
CA VAL C 68 3.44 2.33 -22.40
C VAL C 68 2.84 1.81 -21.12
N VAL C 69 2.68 2.66 -20.10
CA VAL C 69 2.20 2.19 -18.79
C VAL C 69 0.97 2.93 -18.32
N ARG C 70 -0.01 2.17 -17.84
CA ARG C 70 -1.05 2.69 -16.99
C ARG C 70 -1.13 1.78 -15.78
N GLY C 71 -1.20 2.37 -14.61
CA GLY C 71 -1.18 1.63 -13.35
C GLY C 71 -0.90 2.55 -12.22
N ARG C 72 -0.61 1.98 -11.07
CA ARG C 72 -0.43 2.72 -9.84
C ARG C 72 0.96 2.45 -9.34
N HIS C 73 1.63 3.50 -8.90
CA HIS C 73 2.81 3.37 -8.04
C HIS C 73 2.37 3.57 -6.62
N LEU C 74 2.55 2.54 -5.80
CA LEU C 74 2.29 2.58 -4.40
C LEU C 74 3.62 2.74 -3.67
N THR C 75 3.73 3.77 -2.82
CA THR C 75 4.92 3.97 -1.97
C THR C 75 4.40 3.89 -0.55
N THR C 76 4.91 2.90 0.20
CA THR C 76 4.45 2.66 1.57
C THR C 76 5.68 2.40 2.46
N ASP C 77 5.43 2.27 3.75
CA ASP C 77 6.52 1.82 4.64
C ASP C 77 7.65 2.89 4.62
N LEU C 78 7.31 4.18 4.72
CA LEU C 78 8.32 5.27 4.59
C LEU C 78 9.09 5.34 5.89
N LEU C 79 10.41 5.23 5.81
CA LEU C 79 11.30 5.37 6.95
C LEU C 79 12.49 6.26 6.58
N TYR C 80 12.38 7.51 7.03
CA TYR C 80 13.35 8.55 6.70
C TYR C 80 13.96 9.13 7.93
N GLU C 81 15.23 9.52 7.81
CA GLU C 81 15.97 10.21 8.82
C GLU C 81 16.34 11.57 8.31
N VAL C 82 16.02 12.61 9.07
CA VAL C 82 16.28 13.99 8.63
C VAL C 82 17.33 14.65 9.51
N ASP C 83 18.31 15.27 8.90
CA ASP C 83 19.25 16.13 9.63
C ASP C 83 19.42 17.43 8.85
N GLY C 84 18.79 18.47 9.38
CA GLY C 84 18.77 19.76 8.76
C GLY C 84 18.08 19.69 7.43
N ASP C 85 18.82 20.03 6.40
CA ASP C 85 18.22 20.15 5.10
C ASP C 85 18.59 18.93 4.22
N VAL C 86 18.98 17.83 4.86
CA VAL C 86 19.20 16.56 4.14
C VAL C 86 18.48 15.41 4.81
N ALA C 87 18.06 14.41 4.02
CA ALA C 87 17.38 13.27 4.61
C ALA C 87 17.77 12.10 3.77
N THR C 88 17.79 10.95 4.38
CA THR C 88 17.91 9.73 3.63
C THR C 88 16.86 8.78 4.12
N GLY C 89 16.51 7.79 3.34
CA GLY C 89 15.51 6.86 3.82
C GLY C 89 15.21 5.78 2.83
N ARG C 90 14.28 4.93 3.21
CA ARG C 90 13.81 3.86 2.34
C ARG C 90 12.30 3.78 2.42
N SER C 91 11.73 3.26 1.35
CA SER C 91 10.30 3.00 1.28
C SER C 91 10.05 1.78 0.36
N ALA C 92 8.91 1.13 0.55
CA ALA C 92 8.53 0.03 -0.29
C ALA C 92 7.81 0.55 -1.51
N SER C 93 8.06 -0.10 -2.65
CA SER C 93 7.41 0.27 -3.90
C SER C 93 6.73 -0.99 -4.46
N VAL C 94 5.46 -0.90 -4.74
CA VAL C 94 4.71 -1.93 -5.54
C VAL C 94 4.04 -1.16 -6.66
N VAL C 95 4.18 -1.63 -7.90
CA VAL C 95 3.66 -0.93 -9.04
C VAL C 95 2.73 -1.89 -9.73
N THR C 96 1.49 -1.46 -9.96
CA THR C 96 0.57 -2.28 -10.72
C THR C 96 0.55 -1.85 -12.19
N LEU C 97 -0.05 -2.67 -13.02
CA LEU C 97 -0.14 -2.43 -14.43
C LEU C 97 -1.50 -2.94 -14.94
N ALA C 98 -2.17 -2.09 -15.74
CA ALA C 98 -3.36 -2.48 -16.45
C ALA C 98 -2.95 -3.22 -17.71
N THR C 99 -3.41 -4.45 -17.82
CA THR C 99 -3.19 -5.31 -18.98
C THR C 99 -4.50 -5.84 -19.52
N ALA C 100 -4.48 -6.34 -20.74
CA ALA C 100 -5.65 -6.98 -21.34
C ALA C 100 -6.08 -8.25 -20.57
N ALA C 101 -5.23 -8.78 -19.69
CA ALA C 101 -5.55 -9.93 -18.85
C ALA C 101 -5.89 -9.57 -17.41
N GLY C 102 -5.93 -8.28 -17.11
CA GLY C 102 -6.32 -7.78 -15.79
C GLY C 102 -5.19 -7.00 -15.17
N TYR C 103 -5.34 -6.66 -13.90
CA TYR C 103 -4.34 -5.88 -13.22
C TYR C 103 -3.22 -6.78 -12.72
N LYS C 104 -1.99 -6.50 -13.08
CA LYS C 104 -0.86 -7.32 -12.65
C LYS C 104 0.17 -6.48 -11.88
N ILE C 105 1.06 -7.17 -11.16
CA ILE C 105 2.15 -6.49 -10.47
C ILE C 105 3.38 -6.37 -11.40
N LEU C 106 3.67 -5.15 -11.80
CA LEU C 106 4.79 -4.84 -12.69
C LEU C 106 6.09 -4.83 -11.88
N GLY C 107 6.00 -4.30 -10.67
CA GLY C 107 7.20 -4.14 -9.87
C GLY C 107 6.92 -4.28 -8.39
N SER C 108 7.95 -4.77 -7.70
CA SER C 108 7.95 -4.87 -6.26
C SER C 108 9.40 -4.65 -5.82
N GLY C 109 9.62 -3.72 -4.92
CA GLY C 109 10.95 -3.38 -4.50
C GLY C 109 11.02 -2.30 -3.51
N GLU C 110 12.17 -1.72 -3.41
CA GLU C 110 12.47 -0.74 -2.37
C GLU C 110 13.12 0.46 -3.02
N TYR C 111 12.66 1.65 -2.63
CA TYR C 111 13.37 2.89 -2.94
C TYR C 111 14.40 3.15 -1.82
N GLN C 112 15.58 3.58 -2.25
CA GLN C 112 16.61 4.08 -1.37
C GLN C 112 16.92 5.50 -1.83
N ASP C 113 16.64 6.46 -0.94
CA ASP C 113 16.54 7.84 -1.33
C ASP C 113 17.52 8.73 -0.55
N ARG C 114 17.99 9.76 -1.23
CA ARG C 114 18.70 10.88 -0.60
C ARG C 114 17.88 12.10 -1.04
N LEU C 115 17.44 12.86 -0.06
CA LEU C 115 16.61 14.04 -0.28
C LEU C 115 17.27 15.31 0.23
N ILE C 116 16.96 16.42 -0.41
CA ILE C 116 17.50 17.74 -0.03
C ILE C 116 16.38 18.75 0.04
N LYS C 117 16.40 19.56 1.10
CA LYS C 117 15.44 20.62 1.29
C LYS C 117 16.17 21.87 0.78
N GLN C 118 15.67 22.41 -0.31
CA GLN C 118 16.39 23.50 -0.95
C GLN C 118 15.37 24.57 -0.96
N ASP C 119 15.76 25.70 -0.41
CA ASP C 119 14.93 26.85 -0.36
C ASP C 119 13.50 26.47 0.00
N GLY C 120 13.28 25.67 1.05
CA GLY C 120 11.94 25.46 1.65
C GLY C 120 11.22 24.15 1.31
N GLN C 121 11.66 23.52 0.22
CA GLN C 121 10.95 22.37 -0.35
C GLN C 121 11.84 21.17 -0.42
N TRP C 122 11.33 20.02 0.01
CA TRP C 122 12.08 18.75 -0.16
C TRP C 122 11.97 18.26 -1.61
N ARG C 123 13.09 17.79 -2.13
CA ARG C 123 13.16 17.19 -3.44
C ARG C 123 14.14 16.02 -3.42
N ILE C 124 14.00 15.15 -4.42
CA ILE C 124 14.80 13.94 -4.51
C ILE C 124 16.11 14.30 -5.22
N ALA C 125 17.20 14.15 -4.49
CA ALA C 125 18.55 14.23 -5.07
C ALA C 125 18.92 12.91 -5.77
N TYR C 126 18.63 11.82 -5.09
CA TYR C 126 18.85 10.49 -5.67
C TYR C 126 17.82 9.50 -5.17
N ARG C 127 17.20 8.80 -6.10
CA ARG C 127 16.30 7.68 -5.79
C ARG C 127 16.77 6.45 -6.57
N ARG C 128 17.15 5.43 -5.83
CA ARG C 128 17.50 4.14 -6.38
C ARG C 128 16.36 3.20 -6.17
N LEU C 129 15.87 2.58 -7.22
CA LEU C 129 14.86 1.54 -7.08
C LEU C 129 15.58 0.20 -7.21
N ARG C 130 15.42 -0.68 -6.23
CA ARG C 130 15.93 -2.04 -6.28
C ARG C 130 14.73 -2.96 -6.29
N ASN C 131 14.52 -3.68 -7.38
CA ASN C 131 13.37 -4.56 -7.44
C ASN C 131 13.72 -5.93 -6.85
N ASP C 132 12.73 -6.53 -6.23
CA ASP C 132 12.91 -7.85 -5.61
C ASP C 132 13.21 -8.97 -6.61
N ARG C 133 14.12 -9.85 -6.21
CA ARG C 133 14.62 -10.95 -7.09
C ARG C 133 14.23 -12.30 -6.50
N LEU C 134 14.26 -13.34 -7.32
CA LEU C 134 14.03 -14.71 -6.83
C LEU C 134 15.10 -15.12 -5.83
N VAL C 135 14.67 -15.76 -4.74
CA VAL C 135 15.59 -16.15 -3.68
C VAL C 135 16.57 -17.15 -4.21
N SER C 136 16.10 -17.97 -5.16
CA SER C 136 16.88 -19.07 -5.74
C SER C 136 17.56 -18.74 -7.07
N ASP C 137 17.44 -17.51 -7.58
CA ASP C 137 18.04 -17.18 -8.86
C ASP C 137 18.06 -15.69 -9.06
N PRO C 138 18.90 -14.98 -8.30
CA PRO C 138 18.98 -13.52 -8.38
C PRO C 138 19.45 -12.96 -9.73
N SER C 139 19.70 -13.85 -10.71
CA SER C 139 20.00 -13.48 -12.09
C SER C 139 18.74 -13.26 -12.95
N VAL C 140 17.70 -14.06 -12.72
CA VAL C 140 16.44 -13.91 -13.43
C VAL C 140 15.74 -12.56 -13.13
N ALA C 141 15.28 -11.91 -14.21
CA ALA C 141 14.41 -10.74 -14.12
C ALA C 141 13.00 -11.25 -13.85
N VAL C 142 12.51 -11.01 -12.64
CA VAL C 142 11.17 -11.45 -12.25
C VAL C 142 10.13 -10.63 -13.01
N ASN C 143 10.42 -9.34 -13.24
CA ASN C 143 9.47 -8.50 -13.98
C ASN C 143 9.26 -8.85 -15.49
N VAL C 144 10.07 -9.73 -16.08
CA VAL C 144 9.79 -10.16 -17.45
C VAL C 144 9.11 -11.54 -17.55
N ALA C 145 8.94 -12.21 -16.41
CA ALA C 145 8.45 -13.58 -16.40
C ALA C 145 7.02 -13.70 -16.97
N ASP C 146 6.14 -12.74 -16.65
CA ASP C 146 4.79 -12.69 -17.26
C ASP C 146 4.78 -11.89 -18.57
N ALA C 147 4.15 -12.42 -19.62
CA ALA C 147 4.34 -11.86 -20.96
C ALA C 147 3.76 -10.46 -21.26
N ASP C 148 2.57 -10.22 -20.71
CA ASP C 148 1.89 -8.88 -20.73
C ASP C 148 2.90 -7.86 -20.15
N VAL C 149 3.36 -8.21 -18.95
CA VAL C 149 4.22 -7.36 -18.21
C VAL C 149 5.58 -7.21 -18.90
N ALA C 150 6.08 -8.31 -19.45
CA ALA C 150 7.43 -8.29 -20.05
C ALA C 150 7.64 -7.24 -21.13
N ALA C 151 6.67 -7.04 -22.00
CA ALA C 151 6.86 -6.06 -23.07
C ALA C 151 7.02 -4.68 -22.46
N VAL C 152 6.20 -4.39 -21.46
CA VAL C 152 6.25 -3.06 -20.83
C VAL C 152 7.62 -2.90 -20.19
N VAL C 153 8.08 -3.90 -19.44
CA VAL C 153 9.40 -3.89 -18.81
C VAL C 153 10.48 -3.60 -19.87
N GLY C 154 10.39 -4.24 -21.02
CA GLY C 154 11.29 -3.93 -22.12
C GLY C 154 11.34 -2.49 -22.57
N HIS C 155 10.19 -1.88 -22.69
CA HIS C 155 10.10 -0.48 -23.09
C HIS C 155 10.75 0.43 -22.06
N LEU C 156 10.53 0.12 -20.78
CA LEU C 156 11.06 0.98 -19.69
C LEU C 156 12.55 0.86 -19.61
N LEU C 157 13.03 -0.37 -19.76
CA LEU C 157 14.46 -0.61 -19.77
C LEU C 157 15.13 0.04 -20.96
N ALA C 158 14.48 -0.03 -22.10
CA ALA C 158 15.01 0.64 -23.30
C ALA C 158 15.09 2.14 -23.09
N ALA C 159 14.09 2.75 -22.47
CA ALA C 159 14.14 4.18 -22.19
C ALA C 159 15.29 4.50 -21.24
N ALA C 160 15.47 3.68 -20.20
CA ALA C 160 16.59 3.91 -19.28
C ALA C 160 17.93 3.82 -20.00
N ARG C 161 18.08 2.89 -20.93
CA ARG C 161 19.31 2.76 -21.68
C ARG C 161 19.57 3.94 -22.62
N ARG C 162 18.52 4.49 -23.18
CA ARG C 162 18.67 5.65 -24.07
C ARG C 162 18.96 6.95 -23.29
N LEU C 163 18.49 6.99 -22.04
CA LEU C 163 18.49 8.22 -21.24
C LEU C 163 19.51 8.25 -20.07
N GLY C 164 20.10 7.10 -19.72
CA GLY C 164 20.94 6.99 -18.53
C GLY C 164 22.26 6.35 -18.80
N THR C 165 23.05 6.17 -17.76
CA THR C 165 24.29 5.46 -17.91
C THR C 165 24.47 4.48 -16.79
N GLN C 166 25.21 3.41 -17.06
CA GLN C 166 25.29 2.31 -16.09
C GLN C 166 26.60 2.38 -15.38
N MET C 167 26.83 3.44 -14.62
CA MET C 167 27.67 3.36 -13.40
C MET C 167 29.07 2.78 -13.57
#